data_7S42
#
_entry.id   7S42
#
_cell.length_a   103.438
_cell.length_b   103.438
_cell.length_c   103.438
_cell.angle_alpha   90.000
_cell.angle_beta   90.000
_cell.angle_gamma   90.000
#
_symmetry.space_group_name_H-M   'I 2 3'
#
loop_
_entity.id
_entity.type
_entity.pdbx_description
1 polymer N-acetyltransferase
2 non-polymer '[(2~{R},3~{R},4~{S},5~{R},6~{R})-4-acetamido-6-methyl-3,5-bis(oxidanyl)oxan-2-yl] [[(2~{R},3~{S},5~{R})-5-[5-methyl-2,4-bis(oxidanylidene)pyrimidin-1-yl]-3-oxidanyl-oxolan-2-yl]methoxy-oxidanyl-phosphoryl] hydrogen phosphate'
3 non-polymer 'COENZYME A'
4 non-polymer 1,2-ETHANEDIOL
5 non-polymer 'SODIUM ION'
6 water water
#
_entity_poly.entity_id   1
_entity_poly.type   'polypeptide(L)'
_entity_poly.pdbx_seq_one_letter_code
;MHSSHHHHHHSSENLYFQGGGHMIHKLADVQSKNIGSGTRIWQFCVVLPSAIIGENCNICSHCFIENDVKIGNNVTIKCG
VQIWDGIEIEDDVFIGPNVTFCNDKYPRSKQYPKEFSKTIIKKGASIGANATILPGITIGENAMIGAGAIVTKDVLPHVT
YYSKI
;
_entity_poly.pdbx_strand_id   A
#
loop_
_chem_comp.id
_chem_comp.type
_chem_comp.name
_chem_comp.formula
87Z non-polymer '[(2~{R},3~{R},4~{S},5~{R},6~{R})-4-acetamido-6-methyl-3,5-bis(oxidanyl)oxan-2-yl] [[(2~{R},3~{S},5~{R})-5-[5-methyl-2,4-bis(oxidanylidene)pyrimidin-1-yl]-3-oxidanyl-oxolan-2-yl]methoxy-oxidanyl-phosphoryl] hydrogen phosphate' 'C18 H29 N3 O15 P2'
COA non-polymer 'COENZYME A' 'C21 H36 N7 O16 P3 S'
EDO non-polymer 1,2-ETHANEDIOL 'C2 H6 O2'
NA non-polymer 'SODIUM ION' 'Na 1'
#
# COMPACT_ATOMS: atom_id res chain seq x y z
N GLY A 21 -20.36 -10.18 1.08
CA GLY A 21 -20.00 -8.77 1.39
C GLY A 21 -18.59 -8.67 1.98
N HIS A 22 -18.29 -7.53 2.59
CA HIS A 22 -16.96 -7.25 3.22
C HIS A 22 -17.18 -6.93 4.70
N MET A 23 -16.10 -6.94 5.49
CA MET A 23 -16.14 -6.72 6.95
C MET A 23 -15.42 -5.41 7.25
N ILE A 24 -16.13 -4.38 7.67
CA ILE A 24 -15.54 -3.11 8.14
C ILE A 24 -15.73 -3.04 9.64
N HIS A 25 -14.64 -3.00 10.38
CA HIS A 25 -14.73 -2.98 11.86
C HIS A 25 -15.45 -1.70 12.27
N LYS A 26 -16.27 -1.78 13.31
CA LYS A 26 -16.98 -0.59 13.83
C LYS A 26 -16.00 0.49 14.27
N LEU A 27 -14.76 0.14 14.63
CA LEU A 27 -13.76 1.13 15.12
C LEU A 27 -12.90 1.64 13.95
N ALA A 28 -13.22 1.30 12.70
CA ALA A 28 -12.60 1.89 11.50
C ALA A 28 -13.46 3.03 10.97
N ASP A 29 -12.85 3.97 10.28
CA ASP A 29 -13.51 5.06 9.53
C ASP A 29 -13.29 4.80 8.05
N VAL A 30 -14.20 4.05 7.45
CA VAL A 30 -14.09 3.66 6.02
C VAL A 30 -15.15 4.44 5.24
N GLN A 31 -14.71 5.31 4.35
CA GLN A 31 -15.59 6.26 3.62
C GLN A 31 -15.76 5.78 2.18
N SER A 32 -15.00 4.79 1.76
CA SER A 32 -15.08 4.26 0.37
C SER A 32 -16.15 3.18 0.31
N LYS A 33 -16.93 3.18 -0.78
CA LYS A 33 -17.88 2.08 -1.08
C LYS A 33 -17.23 1.07 -2.03
N ASN A 34 -16.03 1.37 -2.52
CA ASN A 34 -15.37 0.60 -3.61
C ASN A 34 -14.53 -0.50 -2.97
N ILE A 35 -15.17 -1.42 -2.25
CA ILE A 35 -14.45 -2.49 -1.50
CA ILE A 35 -14.52 -2.48 -1.41
C ILE A 35 -15.01 -3.84 -1.89
N GLY A 36 -14.11 -4.73 -2.30
CA GLY A 36 -14.47 -6.04 -2.83
C GLY A 36 -14.94 -7.00 -1.77
N SER A 37 -15.72 -7.98 -2.19
CA SER A 37 -16.20 -9.09 -1.34
CA SER A 37 -16.21 -9.07 -1.30
CA SER A 37 -16.20 -9.09 -1.34
C SER A 37 -15.03 -9.75 -0.61
N GLY A 38 -15.22 -10.09 0.66
CA GLY A 38 -14.26 -10.89 1.44
C GLY A 38 -13.18 -10.04 2.09
N THR A 39 -13.10 -8.76 1.75
CA THR A 39 -12.09 -7.84 2.33
C THR A 39 -12.45 -7.56 3.79
N ARG A 40 -11.43 -7.58 4.64
CA ARG A 40 -11.53 -7.20 6.06
CA ARG A 40 -11.54 -7.21 6.06
C ARG A 40 -10.77 -5.90 6.27
N ILE A 41 -11.38 -4.95 6.92
CA ILE A 41 -10.70 -3.70 7.33
C ILE A 41 -10.85 -3.55 8.83
N TRP A 42 -9.73 -3.47 9.53
CA TRP A 42 -9.67 -3.67 10.98
C TRP A 42 -9.70 -2.34 11.75
N GLN A 43 -9.57 -2.44 13.06
CA GLN A 43 -9.75 -1.30 13.98
C GLN A 43 -8.83 -0.14 13.59
N PHE A 44 -9.33 1.07 13.72
CA PHE A 44 -8.51 2.30 13.67
C PHE A 44 -7.86 2.41 12.30
N CYS A 45 -8.51 1.93 11.26
CA CYS A 45 -8.14 2.26 9.87
C CYS A 45 -8.93 3.47 9.41
N VAL A 46 -8.32 4.26 8.53
CA VAL A 46 -8.97 5.37 7.80
C VAL A 46 -8.88 5.03 6.33
N VAL A 47 -10.00 5.03 5.64
CA VAL A 47 -10.03 4.82 4.17
C VAL A 47 -10.86 5.92 3.54
N LEU A 48 -10.26 6.75 2.70
CA LEU A 48 -10.95 7.92 2.15
C LEU A 48 -11.79 7.53 0.92
N PRO A 49 -12.75 8.38 0.51
CA PRO A 49 -13.84 7.94 -0.37
C PRO A 49 -13.45 7.29 -1.70
N SER A 50 -12.42 7.77 -2.36
CA SER A 50 -12.10 7.33 -3.74
C SER A 50 -11.23 6.08 -3.74
N ALA A 51 -10.77 5.60 -2.59
CA ALA A 51 -9.93 4.38 -2.55
C ALA A 51 -10.66 3.23 -3.23
N ILE A 52 -9.96 2.46 -4.03
CA ILE A 52 -10.48 1.19 -4.58
C ILE A 52 -9.71 0.04 -3.96
N ILE A 53 -10.43 -0.89 -3.36
CA ILE A 53 -9.84 -2.09 -2.72
C ILE A 53 -10.53 -3.32 -3.28
N GLY A 54 -9.77 -4.30 -3.73
CA GLY A 54 -10.34 -5.50 -4.37
C GLY A 54 -10.89 -6.49 -3.36
N GLU A 55 -10.97 -7.75 -3.77
CA GLU A 55 -11.63 -8.82 -3.02
C GLU A 55 -10.60 -9.51 -2.09
N ASN A 56 -11.05 -9.98 -0.95
CA ASN A 56 -10.26 -10.87 -0.07
C ASN A 56 -8.96 -10.19 0.37
N CYS A 57 -8.99 -8.88 0.52
CA CYS A 57 -7.86 -8.14 1.14
C CYS A 57 -7.95 -8.21 2.66
N ASN A 58 -6.82 -8.03 3.33
CA ASN A 58 -6.78 -7.87 4.79
C ASN A 58 -6.06 -6.57 5.09
N ILE A 59 -6.79 -5.55 5.50
CA ILE A 59 -6.24 -4.23 5.88
C ILE A 59 -6.21 -4.19 7.40
N CYS A 60 -5.05 -4.45 7.95
CA CYS A 60 -4.87 -4.66 9.40
C CYS A 60 -4.98 -3.32 10.15
N SER A 61 -5.06 -3.38 11.47
CA SER A 61 -5.32 -2.19 12.30
C SER A 61 -4.30 -1.08 12.01
N HIS A 62 -4.73 0.15 12.18
CA HIS A 62 -3.85 1.34 12.23
C HIS A 62 -3.32 1.70 10.84
N CYS A 63 -4.03 1.39 9.78
CA CYS A 63 -3.65 1.81 8.41
C CYS A 63 -4.42 3.06 7.99
N PHE A 64 -3.80 3.82 7.10
CA PHE A 64 -4.40 5.00 6.44
C PHE A 64 -4.33 4.76 4.94
N ILE A 65 -5.46 4.91 4.26
N ILE A 65 -5.48 4.86 4.27
CA ILE A 65 -5.55 4.74 2.80
CA ILE A 65 -5.62 4.70 2.80
C ILE A 65 -6.25 5.94 2.21
C ILE A 65 -6.24 5.98 2.25
N GLU A 66 -5.56 6.63 1.31
CA GLU A 66 -6.00 7.93 0.76
C GLU A 66 -6.94 7.70 -0.43
N ASN A 67 -7.10 8.71 -1.27
CA ASN A 67 -8.17 8.74 -2.29
C ASN A 67 -7.68 8.16 -3.62
N ASP A 68 -6.56 8.64 -4.14
CA ASP A 68 -6.07 8.27 -5.49
C ASP A 68 -5.25 6.99 -5.31
N VAL A 69 -5.94 5.92 -4.98
CA VAL A 69 -5.34 4.66 -4.51
C VAL A 69 -6.08 3.51 -5.15
N LYS A 70 -5.35 2.56 -5.70
CA LYS A 70 -5.95 1.31 -6.19
CA LYS A 70 -5.92 1.31 -6.23
C LYS A 70 -5.19 0.14 -5.57
N ILE A 71 -5.93 -0.74 -4.93
CA ILE A 71 -5.40 -1.96 -4.28
C ILE A 71 -6.16 -3.14 -4.89
N GLY A 72 -5.43 -4.14 -5.37
CA GLY A 72 -6.01 -5.28 -6.09
C GLY A 72 -6.64 -6.30 -5.16
N ASN A 73 -6.73 -7.54 -5.62
CA ASN A 73 -7.35 -8.65 -4.87
C ASN A 73 -6.28 -9.37 -4.04
N ASN A 74 -6.68 -9.93 -2.90
CA ASN A 74 -5.84 -10.85 -2.11
CA ASN A 74 -5.84 -10.85 -2.09
C ASN A 74 -4.60 -10.10 -1.61
N VAL A 75 -4.75 -8.81 -1.34
CA VAL A 75 -3.64 -7.97 -0.81
C VAL A 75 -3.67 -7.99 0.71
N THR A 76 -2.52 -8.25 1.32
CA THR A 76 -2.34 -8.16 2.78
C THR A 76 -1.61 -6.87 3.10
N ILE A 77 -2.22 -5.99 3.89
CA ILE A 77 -1.53 -4.79 4.40
C ILE A 77 -1.49 -4.92 5.90
N LYS A 78 -0.31 -5.18 6.43
CA LYS A 78 -0.15 -5.33 7.88
C LYS A 78 -0.27 -3.96 8.58
N CYS A 79 -0.23 -3.97 9.91
CA CYS A 79 -0.60 -2.79 10.71
C CYS A 79 0.34 -1.62 10.41
N GLY A 80 -0.17 -0.41 10.55
CA GLY A 80 0.67 0.79 10.67
C GLY A 80 1.20 1.30 9.34
N VAL A 81 0.55 0.94 8.25
CA VAL A 81 0.97 1.31 6.87
C VAL A 81 0.06 2.43 6.37
N GLN A 82 0.61 3.36 5.59
CA GLN A 82 -0.19 4.36 4.87
C GLN A 82 0.01 4.21 3.37
N ILE A 83 -1.10 4.14 2.66
CA ILE A 83 -1.12 4.10 1.17
C ILE A 83 -1.63 5.45 0.69
N TRP A 84 -0.71 6.26 0.17
CA TRP A 84 -0.98 7.67 -0.22
C TRP A 84 -1.58 7.72 -1.62
N ASP A 85 -2.12 8.87 -1.92
CA ASP A 85 -2.43 9.29 -3.30
C ASP A 85 -1.21 8.97 -4.18
N GLY A 86 -1.45 8.33 -5.32
CA GLY A 86 -0.40 8.00 -6.29
C GLY A 86 0.17 6.61 -6.10
N ILE A 87 -0.28 5.86 -5.11
CA ILE A 87 0.26 4.49 -4.86
C ILE A 87 -0.73 3.46 -5.41
N GLU A 88 -0.26 2.54 -6.24
CA GLU A 88 -1.06 1.38 -6.68
C GLU A 88 -0.42 0.09 -6.17
N ILE A 89 -1.25 -0.78 -5.62
CA ILE A 89 -0.84 -2.13 -5.17
C ILE A 89 -1.60 -3.12 -6.06
N GLU A 90 -0.88 -3.99 -6.73
CA GLU A 90 -1.51 -5.03 -7.59
C GLU A 90 -1.95 -6.21 -6.76
N ASP A 91 -2.51 -7.19 -7.44
CA ASP A 91 -3.03 -8.42 -6.76
C ASP A 91 -1.93 -9.16 -6.01
N ASP A 92 -2.32 -9.80 -4.90
CA ASP A 92 -1.53 -10.85 -4.22
CA ASP A 92 -1.52 -10.86 -4.24
C ASP A 92 -0.27 -10.25 -3.58
N VAL A 93 -0.24 -8.94 -3.40
CA VAL A 93 0.89 -8.26 -2.72
C VAL A 93 0.78 -8.42 -1.20
N PHE A 94 1.91 -8.60 -0.55
CA PHE A 94 2.06 -8.54 0.91
C PHE A 94 2.83 -7.27 1.27
N ILE A 95 2.26 -6.47 2.18
CA ILE A 95 2.95 -5.28 2.73
C ILE A 95 3.11 -5.47 4.24
N GLY A 96 4.35 -5.53 4.69
CA GLY A 96 4.65 -5.78 6.09
C GLY A 96 4.32 -4.59 6.97
N PRO A 97 4.36 -4.79 8.30
CA PRO A 97 3.95 -3.75 9.23
C PRO A 97 4.89 -2.55 9.20
N ASN A 98 4.34 -1.37 9.37
CA ASN A 98 5.07 -0.09 9.54
C ASN A 98 5.89 0.23 8.28
N VAL A 99 5.60 -0.42 7.16
CA VAL A 99 6.14 -0.02 5.83
C VAL A 99 5.66 1.39 5.52
N THR A 100 6.54 2.21 4.95
CA THR A 100 6.13 3.54 4.42
C THR A 100 6.28 3.61 2.92
N PHE A 101 5.39 4.41 2.34
CA PHE A 101 5.41 4.83 0.93
C PHE A 101 5.55 6.35 0.88
N CYS A 102 5.65 6.82 -0.37
CA CYS A 102 5.79 8.26 -0.45
C CYS A 102 5.52 8.74 -1.85
N ASN A 103 5.05 10.00 -1.99
CA ASN A 103 4.67 10.55 -3.28
C ASN A 103 5.31 11.92 -3.50
N ASP A 104 6.35 12.27 -2.75
CA ASP A 104 6.96 13.63 -2.77
C ASP A 104 8.42 13.51 -2.41
N LYS A 105 9.32 13.64 -3.38
CA LYS A 105 10.76 13.37 -3.19
C LYS A 105 11.42 14.48 -2.37
N TYR A 106 10.94 15.71 -2.46
CA TYR A 106 11.58 16.87 -1.79
C TYR A 106 10.53 17.60 -0.97
N PRO A 107 10.01 16.97 0.09
CA PRO A 107 8.85 17.50 0.77
C PRO A 107 9.17 18.79 1.53
N ARG A 108 8.32 19.77 1.38
CA ARG A 108 8.35 21.00 2.20
C ARG A 108 6.92 21.31 2.63
N SER A 109 6.73 21.61 3.91
CA SER A 109 5.39 21.80 4.49
C SER A 109 4.62 22.85 3.68
N LYS A 110 3.43 22.49 3.22
CA LYS A 110 2.46 23.38 2.51
C LYS A 110 2.87 23.63 1.07
N GLN A 111 3.91 22.99 0.57
CA GLN A 111 4.32 23.10 -0.85
CA GLN A 111 4.32 23.09 -0.85
C GLN A 111 3.78 21.86 -1.59
N TYR A 112 2.53 21.93 -2.02
CA TYR A 112 1.82 20.75 -2.56
C TYR A 112 2.30 20.50 -3.98
N PRO A 113 2.78 19.28 -4.31
CA PRO A 113 3.10 18.94 -5.69
C PRO A 113 1.91 19.21 -6.61
N LYS A 114 2.18 19.69 -7.83
CA LYS A 114 1.15 19.83 -8.90
C LYS A 114 0.67 18.43 -9.30
N GLU A 115 1.56 17.44 -9.27
CA GLU A 115 1.24 16.02 -9.57
C GLU A 115 2.05 15.15 -8.62
N PHE A 116 1.39 14.30 -7.85
CA PHE A 116 2.07 13.34 -6.96
C PHE A 116 2.83 12.33 -7.83
N SER A 117 4.06 12.00 -7.41
CA SER A 117 4.86 10.87 -7.97
CA SER A 117 4.85 10.88 -7.99
C SER A 117 4.11 9.55 -7.74
N LYS A 118 4.12 8.67 -8.73
CA LYS A 118 3.40 7.39 -8.65
C LYS A 118 4.36 6.28 -8.23
N THR A 119 3.87 5.36 -7.39
CA THR A 119 4.55 4.10 -7.05
C THR A 119 3.63 2.95 -7.47
N ILE A 120 4.19 1.87 -8.00
CA ILE A 120 3.39 0.65 -8.24
C ILE A 120 4.13 -0.54 -7.68
N ILE A 121 3.41 -1.32 -6.88
CA ILE A 121 3.90 -2.60 -6.32
C ILE A 121 3.20 -3.71 -7.09
N LYS A 122 3.94 -4.40 -7.93
CA LYS A 122 3.36 -5.30 -8.95
C LYS A 122 3.00 -6.65 -8.35
N LYS A 123 2.21 -7.40 -9.10
CA LYS A 123 1.47 -8.59 -8.62
CA LYS A 123 1.45 -8.54 -8.54
C LYS A 123 2.39 -9.54 -7.85
N GLY A 124 2.00 -9.98 -6.67
CA GLY A 124 2.68 -11.03 -5.92
C GLY A 124 3.91 -10.54 -5.18
N ALA A 125 4.33 -9.28 -5.34
CA ALA A 125 5.52 -8.78 -4.63
C ALA A 125 5.24 -8.77 -3.12
N SER A 126 6.31 -8.82 -2.34
CA SER A 126 6.22 -8.75 -0.86
C SER A 126 7.19 -7.71 -0.36
N ILE A 127 6.75 -6.89 0.59
CA ILE A 127 7.60 -5.86 1.21
C ILE A 127 7.73 -6.15 2.69
N GLY A 128 8.95 -6.36 3.15
CA GLY A 128 9.22 -6.71 4.55
C GLY A 128 8.87 -5.59 5.52
N ALA A 129 8.73 -5.96 6.78
CA ALA A 129 8.43 -5.07 7.91
C ALA A 129 9.36 -3.86 7.88
N ASN A 130 8.80 -2.67 8.06
CA ASN A 130 9.55 -1.42 8.33
CA ASN A 130 9.58 -1.44 8.35
C ASN A 130 10.42 -1.03 7.14
N ALA A 131 10.14 -1.56 5.95
CA ALA A 131 10.80 -1.07 4.72
C ALA A 131 10.30 0.34 4.40
N THR A 132 11.09 1.06 3.64
CA THR A 132 10.83 2.45 3.24
C THR A 132 10.89 2.52 1.72
N ILE A 133 9.80 2.87 1.08
CA ILE A 133 9.72 2.89 -0.41
C ILE A 133 9.70 4.35 -0.84
N LEU A 134 10.76 4.77 -1.52
CA LEU A 134 10.87 6.15 -2.04
C LEU A 134 9.78 6.37 -3.08
N PRO A 135 9.51 7.65 -3.43
CA PRO A 135 8.49 7.95 -4.43
C PRO A 135 8.97 7.60 -5.86
N GLY A 136 8.02 7.33 -6.75
CA GLY A 136 8.30 7.10 -8.17
C GLY A 136 8.79 5.68 -8.44
N ILE A 137 8.63 4.78 -7.47
CA ILE A 137 9.27 3.44 -7.49
C ILE A 137 8.33 2.41 -8.12
N THR A 138 8.89 1.52 -8.92
CA THR A 138 8.26 0.26 -9.34
C THR A 138 8.96 -0.90 -8.64
N ILE A 139 8.19 -1.74 -7.95
CA ILE A 139 8.69 -3.04 -7.45
CA ILE A 139 8.67 -3.04 -7.43
C ILE A 139 8.04 -4.13 -8.28
N GLY A 140 8.86 -4.93 -8.94
CA GLY A 140 8.39 -5.88 -9.95
C GLY A 140 7.64 -7.06 -9.36
N GLU A 141 6.93 -7.78 -10.23
CA GLU A 141 6.14 -8.95 -9.83
C GLU A 141 6.98 -9.91 -9.01
N ASN A 142 6.43 -10.37 -7.89
CA ASN A 142 7.02 -11.44 -7.07
C ASN A 142 8.37 -11.04 -6.48
N ALA A 143 8.73 -9.75 -6.48
CA ALA A 143 9.96 -9.31 -5.79
C ALA A 143 9.78 -9.54 -4.28
N MET A 144 10.89 -9.58 -3.57
CA MET A 144 10.92 -9.70 -2.10
C MET A 144 11.81 -8.59 -1.56
N ILE A 145 11.23 -7.67 -0.79
CA ILE A 145 11.97 -6.54 -0.17
C ILE A 145 12.25 -6.92 1.28
N GLY A 146 13.53 -6.97 1.65
CA GLY A 146 13.94 -7.30 3.01
C GLY A 146 13.35 -6.36 4.03
N ALA A 147 13.12 -6.87 5.24
CA ALA A 147 12.73 -6.05 6.39
C ALA A 147 13.71 -4.87 6.54
N GLY A 148 13.19 -3.67 6.78
CA GLY A 148 14.00 -2.48 7.08
C GLY A 148 14.69 -1.89 5.87
N ALA A 149 14.51 -2.46 4.68
CA ALA A 149 15.20 -1.98 3.47
C ALA A 149 14.76 -0.56 3.11
N ILE A 150 15.66 0.22 2.55
CA ILE A 150 15.34 1.52 1.91
C ILE A 150 15.43 1.32 0.42
N VAL A 151 14.30 1.50 -0.27
CA VAL A 151 14.22 1.21 -1.72
C VAL A 151 14.24 2.53 -2.48
N THR A 152 15.40 2.89 -3.02
CA THR A 152 15.62 4.18 -3.70
C THR A 152 15.61 4.01 -5.21
N LYS A 153 15.59 2.77 -5.69
CA LYS A 153 15.62 2.42 -7.12
C LYS A 153 14.61 1.29 -7.35
N ASP A 154 14.09 1.20 -8.57
CA ASP A 154 13.19 0.11 -8.94
C ASP A 154 13.83 -1.22 -8.57
N VAL A 155 12.99 -2.17 -8.21
CA VAL A 155 13.41 -3.57 -7.97
C VAL A 155 12.80 -4.43 -9.08
N LEU A 156 13.63 -5.20 -9.75
CA LEU A 156 13.20 -6.02 -10.89
C LEU A 156 12.27 -7.13 -10.41
N PRO A 157 11.46 -7.67 -11.33
CA PRO A 157 10.64 -8.83 -11.02
C PRO A 157 11.45 -9.97 -10.39
N HIS A 158 10.88 -10.56 -9.34
CA HIS A 158 11.38 -11.81 -8.73
C HIS A 158 12.70 -11.60 -7.99
N VAL A 159 13.16 -10.37 -7.85
CA VAL A 159 14.46 -10.08 -7.18
C VAL A 159 14.23 -9.91 -5.68
N THR A 160 15.17 -10.43 -4.90
CA THR A 160 15.26 -10.18 -3.45
C THR A 160 16.22 -9.03 -3.22
N TYR A 161 15.73 -7.94 -2.67
CA TYR A 161 16.54 -6.73 -2.38
C TYR A 161 16.53 -6.50 -0.87
N TYR A 162 17.70 -6.24 -0.29
CA TYR A 162 17.76 -5.67 1.08
C TYR A 162 18.94 -4.73 1.20
N SER A 163 18.85 -3.85 2.19
CA SER A 163 19.83 -2.78 2.47
C SER A 163 20.96 -3.37 3.32
N LYS A 164 22.21 -3.09 2.98
CA LYS A 164 23.41 -3.65 3.65
C LYS A 164 23.56 -2.98 5.03
N ILE A 165 23.69 -3.78 6.10
CA ILE A 165 23.67 -3.28 7.51
C ILE A 165 25.03 -3.51 8.17
C2 87Z B . -6.21 12.29 7.85
O3 87Z B . 3.55 12.75 3.25
C3 87Z B . 3.33 12.55 2.11
C3M 87Z B . 3.27 11.12 1.58
N3Q 87Z B . 3.12 13.51 1.21
C3Q 87Z B . 2.68 14.84 1.61
C4Q 87Z B . 3.52 15.98 1.02
O4Q 87Z B . 3.50 15.95 -0.41
C2Q 87Z B . 1.20 15.05 1.20
O2Q 87Z B . 0.39 14.05 1.82
C1Q 87Z B . 0.77 16.40 1.63
O5Q 87Z B . 1.58 17.48 1.20
C5Q 87Z B . 2.98 17.30 1.56
C6Q 87Z B . 3.71 18.52 0.99
O3B 87Z B . 0.70 16.36 3.06
PB 87Z B . -0.35 17.22 3.97
O1B 87Z B . 0.03 18.70 4.10
O2B 87Z B . -0.55 16.42 5.24
O3A 87Z B . -1.69 16.99 3.02
PA 87Z B . -3.11 17.76 3.04
O1A 87Z B . -3.02 19.13 3.71
O2A 87Z B . -3.57 17.71 1.58
O5' 87Z B . -4.06 16.85 3.99
C5' 87Z B . -4.38 15.47 3.65
C4' 87Z B . -3.69 14.69 4.76
O4' 87Z B . -4.45 14.85 5.96
C3' 87Z B . -3.79 13.22 4.52
O3' 87Z B . -2.67 12.71 3.78
C2' 87Z B . -3.69 12.63 5.93
C1' 87Z B . -4.48 13.67 6.76
N1 87Z B . -5.91 13.25 6.88
O2 87Z B . -5.34 11.86 8.52
N3 87Z B . -7.44 11.79 7.90
C6 87Z B . -6.88 13.68 6.01
C5 87Z B . -8.18 13.21 6.16
C5M 87Z B . -9.30 13.76 5.19
C4 87Z B . -8.42 12.22 7.10
O4 87Z B . -9.55 11.74 7.23
N1A COA C . 18.53 6.77 1.79
C2A COA C . 19.63 6.16 1.29
N3A COA C . 20.16 6.51 0.11
C4A COA C . 19.57 7.47 -0.62
C5A COA C . 18.44 8.12 -0.13
C6A COA C . 17.90 7.73 1.09
N6A COA C . 16.78 8.33 1.59
N7A COA C . 18.06 9.03 -1.04
C8A COA C . 18.94 8.97 -2.09
N9A COA C . 19.84 8.02 -1.81
C1B COA C . 21.00 7.62 -2.64
C2B COA C . 20.54 7.13 -3.98
O2B COA C . 20.35 5.70 -3.96
C3B COA C . 21.64 7.59 -4.93
O3B COA C . 22.65 6.60 -4.85
P3B COA C . 23.66 6.38 -6.12
O7A COA C . 24.55 5.31 -5.64
O8A COA C . 22.83 6.05 -7.30
O9A COA C . 24.31 7.71 -6.38
C4B COA C . 22.16 8.86 -4.27
O4B COA C . 21.75 8.79 -2.89
C5B COA C . 21.64 10.12 -4.89
O5B COA C . 20.24 9.91 -5.06
P1A COA C . 19.39 11.09 -5.69
O1A COA C . 18.01 10.54 -6.01
O2A COA C . 20.07 11.72 -6.93
O3A COA C . 19.43 12.13 -4.56
P2A COA C . 18.45 13.38 -4.43
O4A COA C . 17.74 13.73 -5.70
O5A COA C . 19.34 14.35 -3.78
O6A COA C . 17.29 13.08 -3.30
CBP COA C . 16.65 12.82 -0.98
CCP COA C . 17.75 12.79 -2.02
CDP COA C . 17.35 12.41 0.29
CEP COA C . 16.02 14.19 -0.87
CAP COA C . 15.49 11.81 -1.33
OAP COA C . 16.01 10.61 -1.90
C9P COA C . 14.62 11.48 -0.15
O9P COA C . 14.95 10.59 0.64
N8P COA C . 13.53 12.22 -0.01
C7P COA C . 12.55 12.12 1.07
C6P COA C . 11.25 11.53 0.53
C5P COA C . 10.24 11.50 1.66
O5P COA C . 10.43 10.74 2.61
N4P COA C . 9.20 12.34 1.56
C3P COA C . 8.13 12.44 2.54
C2P COA C . 7.13 11.32 2.33
S1P COA C . 6.49 11.32 0.69
C1 EDO D . -2.40 5.84 -8.05
O1 EDO D . -1.52 6.07 -9.15
C2 EDO D . -3.48 4.87 -8.33
O2 EDO D . -4.37 5.32 -9.33
C1 EDO E . 16.39 -0.58 -4.44
O1 EDO E . 16.59 -1.13 -5.72
C2 EDO E . 17.32 0.59 -4.21
O2 EDO E . 17.54 0.90 -2.85
C1 EDO F . 20.32 -7.86 -1.65
O1 EDO F . 20.05 -6.67 -2.35
C2 EDO F . 21.71 -8.35 -1.88
O2 EDO F . 21.74 -9.39 -2.82
C1 EDO G . -3.27 -8.04 -12.30
O1 EDO G . -4.65 -8.23 -12.10
C2 EDO G . -2.74 -6.86 -11.56
O2 EDO G . -3.19 -6.78 -10.24
C1 EDO H . 6.06 4.34 -11.12
O1 EDO H . 6.22 5.72 -11.34
C2 EDO H . 4.71 3.85 -11.40
O2 EDO H . 4.22 4.24 -12.66
C1 EDO I . -4.32 20.27 -0.71
O1 EDO I . -4.74 19.87 0.58
C2 EDO I . -4.31 21.74 -0.85
O2 EDO I . -4.57 22.41 0.36
NA NA J . 8.57 20.35 -2.53
#